data_7XD7
#
_entry.id   7XD7
#
_cell.length_a   1.00
_cell.length_b   1.00
_cell.length_c   1.00
_cell.angle_alpha   90.00
_cell.angle_beta   90.00
_cell.angle_gamma   90.00
#
_symmetry.space_group_name_H-M   'P 1'
#
loop_
_entity.id
_entity.type
_entity.pdbx_description
1 polymer "The pre-Tet-C state molecule of co-transcriptional folded wild-type Tetrahymena group I intron with 30nt 3'/5'-exon"
2 non-polymer 'MAGNESIUM ION'
3 non-polymer SPERMIDINE
#
_entity_poly.entity_id   1
_entity_poly.type   'polyribonucleotide'
_entity_poly.pdbx_seq_one_letter_code
;AUAUUUACCUUUGGAGGGAAAAGUUAUCAGGCAUGCACCUGGUAGCUAGUCUUUAAACCAAUAGAUUGCAUCGGUUUAAA
AGGCAAGACCGUCAAAUUGCGGGAAAGGGGUCAACAGCCGUUCAGUACCAAGUCUCAGGGGAAACUUUGAGAUGGCCUUG
CAAAGGGUAUGGUAAUAAGCUGACGGACAUGGUCCUAACCACGCAGCCAAGUCCUAAGUCAACAGAUCUUCUGUUGAUAU
GGAUGCAGUUCACAGACUAAAUGUCGGUCGGGGAAGAUGUAUUCUUCUCAUAAGAUAUAGUCGGACCUCUCCUUAAUGGG
AGCUAGCGGAUGAAGUGAUGCAACACUGGAGCCGCUGGGAACUAAUUUGUAUGCGAAAGUAUAUUGAUUAGUUUUGGAGU
ACUCG
;
_entity_poly.pdbx_strand_id   N
#
loop_
_chem_comp.id
_chem_comp.type
_chem_comp.name
_chem_comp.formula
A RNA linking ADENOSINE-5'-MONOPHOSPHATE 'C10 H14 N5 O7 P'
C RNA linking CYTIDINE-5'-MONOPHOSPHATE 'C9 H14 N3 O8 P'
G RNA linking GUANOSINE-5'-MONOPHOSPHATE 'C10 H14 N5 O8 P'
MG non-polymer 'MAGNESIUM ION' 'Mg 2'
SPD non-polymer SPERMIDINE 'C7 H19 N3'
U RNA linking URIDINE-5'-MONOPHOSPHATE 'C9 H13 N2 O9 P'
#
# COMPACT_ATOMS: atom_id res chain seq x y z
MG MG B . -18.07 -6.45 -0.61
MG MG C . -15.97 -1.96 8.83
MG MG D . -19.55 -19.41 8.45
MG MG E . -22.43 -5.15 -18.09
MG MG F . -17.11 -5.71 -18.23
MG MG G . -14.62 -12.98 -17.13
MG MG H . -13.74 -8.81 -33.55
MG MG I . -12.90 1.57 -28.78
MG MG J . -7.85 18.90 -35.75
MG MG K . -10.67 28.40 -35.94
MG MG L . 6.03 4.53 -2.80
MG MG M . 14.24 9.56 1.08
MG MG N . -6.77 13.29 -13.80
MG MG O . -6.48 2.86 1.75
MG MG P . -8.43 6.76 5.38
MG MG Q . -14.93 8.10 4.29
MG MG R . -2.06 0.07 3.95
MG MG S . 7.78 1.49 7.67
MG MG T . 8.38 -3.06 2.64
MG MG U . 26.29 2.58 -2.93
MG MG V . -7.12 -10.61 -18.00
MG MG W . -1.36 -13.49 -26.79
MG MG X . -1.49 -21.53 -18.04
MG MG Y . -18.63 9.84 23.00
MG MG Z . -7.61 -1.54 12.17
MG MG AA . -12.55 -2.02 11.49
MG MG BA . -9.14 6.76 16.12
MG MG CA . 27.39 4.77 20.15
MG MG DA . 23.65 -4.40 15.18
N1 SPD EA . 16.18 -3.58 11.10
C2 SPD EA . 14.73 -3.56 11.17
C3 SPD EA . 14.18 -2.30 10.50
C4 SPD EA . 14.35 -1.06 11.38
C5 SPD EA . 13.68 -1.23 12.74
N6 SPD EA . 13.87 -0.05 13.55
C7 SPD EA . 12.74 0.84 13.41
C8 SPD EA . 12.77 1.89 14.51
C9 SPD EA . 11.60 2.87 14.42
N10 SPD EA . 11.65 3.83 15.51
#